data_9I56
#
_entry.id   9I56
#
_cell.length_a   89.046
_cell.length_b   127.382
_cell.length_c   62.613
_cell.angle_alpha   90.000
_cell.angle_beta   90.000
_cell.angle_gamma   90.000
#
_symmetry.space_group_name_H-M   'C 2 2 21'
#
loop_
_entity.id
_entity.type
_entity.pdbx_description
1 polymer 'Monoglyceride lipase'
2 non-polymer 1,2-ETHANEDIOL
3 non-polymer [4-(5-chloranyl-[1,3]oxazolo[4,5-b]pyridin-2-yl)piperazin-1-yl]-[2-(4-cyclopentylpyridin-3-yl)-1,3-benzoxazol-6-yl]methanone
4 water water
#
_entity_poly.entity_id   1
_entity_poly.type   'polypeptide(L)'
_entity_poly.pdbx_seq_one_letter_code
;MGSSHHHHHHSSGENLYFQGMPEESSPRRTPQSIPYQDLPHLVNADGQYLFCRYWAPTGTPKALIFVSHGAGEHSGRYEE
LARMLMGLDLLVFAHDHVGHGQSEGERMVVSDFHVFVRDVLQHVDSMQKDYPGLPVFLLGHSMGGAIAILTAAERPGHFA
GMVLISPLVLANPESATTFKVLAAKVLNSVLPNLSSGPIDSSVLSRNKTEVDIYNSDPLICRAGLKVCFGIQLLNAVSRV
ERALPKLTVPFLLLQGSADRLCDSKGAYLLMELAKSQDKTLKIYEGAYHVLHKELPEVTNSVFHEINMWVSQRTATAGTA
SPP
;
_entity_poly.pdbx_strand_id   A
#
loop_
_chem_comp.id
_chem_comp.type
_chem_comp.name
_chem_comp.formula
A1IZY non-polymer [4-(5-chloranyl-[1,3]oxazolo[4,5-b]pyridin-2-yl)piperazin-1-yl]-[2-(4-cyclopentylpyridin-3-yl)-1,3-benzoxazol-6-yl]methanone 'C28 H25 Cl N6 O3'
EDO non-polymer 1,2-ETHANEDIOL 'C2 H6 O2'
#
# COMPACT_ATOMS: atom_id res chain seq x y z
N PRO A 27 14.89 -7.76 25.64
CA PRO A 27 13.75 -7.95 24.74
C PRO A 27 13.86 -7.15 23.47
N ARG A 28 13.30 -7.70 22.39
CA ARG A 28 13.33 -7.07 21.08
C ARG A 28 12.43 -5.85 21.11
N ARG A 29 12.94 -4.74 20.60
CA ARG A 29 12.24 -3.46 20.64
C ARG A 29 12.08 -2.92 19.23
N THR A 30 11.05 -2.09 19.06
CA THR A 30 10.84 -1.40 17.79
C THR A 30 12.02 -0.45 17.56
N PRO A 31 12.17 0.11 16.36
CA PRO A 31 13.20 1.13 16.16
C PRO A 31 13.00 2.35 17.03
N GLN A 32 11.83 2.49 17.65
CA GLN A 32 11.54 3.58 18.58
C GLN A 32 11.69 3.14 20.03
N SER A 33 12.29 1.97 20.24
CA SER A 33 12.68 1.41 21.54
CA SER A 33 12.67 1.44 21.55
C SER A 33 11.49 0.92 22.38
N ILE A 34 10.35 0.62 21.77
CA ILE A 34 9.24 0.04 22.50
C ILE A 34 9.35 -1.48 22.42
N PRO A 35 9.32 -2.21 23.55
CA PRO A 35 9.34 -3.67 23.47
C PRO A 35 8.17 -4.20 22.64
N TYR A 36 8.49 -5.12 21.71
CA TYR A 36 7.43 -5.79 20.95
C TYR A 36 6.47 -6.55 21.85
N GLN A 37 6.93 -7.01 23.03
CA GLN A 37 5.99 -7.69 23.92
C GLN A 37 4.87 -6.76 24.39
N ASP A 38 5.01 -5.46 24.22
CA ASP A 38 3.99 -4.51 24.61
C ASP A 38 3.06 -4.12 23.46
N LEU A 39 3.24 -4.70 22.27
CA LEU A 39 2.53 -4.24 21.08
C LEU A 39 2.03 -5.43 20.27
N PRO A 40 0.95 -5.26 19.52
CA PRO A 40 0.54 -6.35 18.60
C PRO A 40 1.63 -6.51 17.53
N HIS A 41 1.97 -7.76 17.22
CA HIS A 41 3.09 -8.01 16.32
C HIS A 41 2.95 -9.38 15.67
N LEU A 42 3.82 -9.60 14.67
CA LEU A 42 3.94 -10.85 13.94
C LEU A 42 5.42 -10.97 13.59
N VAL A 43 5.98 -12.18 13.63
CA VAL A 43 7.36 -12.38 13.19
C VAL A 43 7.36 -12.97 11.80
N ASN A 44 8.08 -12.33 10.87
CA ASN A 44 8.01 -12.76 9.48
C ASN A 44 8.98 -13.92 9.24
N ALA A 45 9.01 -14.39 7.99
CA ALA A 45 9.81 -15.57 7.64
C ALA A 45 11.30 -15.34 7.77
N ASP A 46 11.74 -14.09 7.79
CA ASP A 46 13.13 -13.74 8.00
C ASP A 46 13.45 -13.48 9.46
N GLY A 47 12.52 -13.75 10.38
CA GLY A 47 12.77 -13.50 11.79
C GLY A 47 12.62 -12.06 12.22
N GLN A 48 12.02 -11.20 11.39
CA GLN A 48 11.85 -9.78 11.71
C GLN A 48 10.47 -9.54 12.28
N TYR A 49 10.41 -8.72 13.33
CA TYR A 49 9.14 -8.36 13.94
C TYR A 49 8.46 -7.28 13.12
N LEU A 50 7.19 -7.50 12.79
CA LEU A 50 6.34 -6.48 12.18
C LEU A 50 5.31 -6.00 13.18
N PHE A 51 5.18 -4.68 13.31
CA PHE A 51 4.16 -4.10 14.15
C PHE A 51 2.82 -4.19 13.44
N CYS A 52 1.79 -4.63 14.17
CA CYS A 52 0.45 -4.86 13.62
C CYS A 52 -0.61 -3.96 14.25
N ARG A 53 -1.68 -3.72 13.48
CA ARG A 53 -2.85 -2.98 13.95
C ARG A 53 -4.13 -3.73 13.60
N TYR A 54 -5.13 -3.60 14.47
CA TYR A 54 -6.41 -4.24 14.26
C TYR A 54 -7.53 -3.27 14.62
N TRP A 55 -8.59 -3.27 13.81
CA TRP A 55 -9.81 -2.55 14.15
C TRP A 55 -10.97 -3.50 13.89
N ALA A 56 -11.56 -4.02 14.97
CA ALA A 56 -12.60 -5.03 14.84
C ALA A 56 -13.93 -4.51 15.36
N PRO A 57 -15.04 -4.89 14.72
CA PRO A 57 -16.35 -4.42 15.17
C PRO A 57 -16.82 -5.19 16.40
N THR A 58 -17.80 -4.60 17.09
CA THR A 58 -18.37 -5.27 18.26
C THR A 58 -19.18 -6.49 17.85
N GLY A 59 -19.88 -6.41 16.72
CA GLY A 59 -20.64 -7.54 16.22
C GLY A 59 -19.78 -8.56 15.49
N THR A 60 -20.44 -9.55 14.92
CA THR A 60 -19.75 -10.57 14.14
C THR A 60 -19.31 -9.96 12.81
N PRO A 61 -18.06 -10.16 12.38
CA PRO A 61 -17.57 -9.44 11.20
C PRO A 61 -18.15 -10.04 9.92
N LYS A 62 -18.40 -9.16 8.94
CA LYS A 62 -18.86 -9.61 7.63
C LYS A 62 -17.71 -10.10 6.75
N ALA A 63 -16.50 -9.58 6.96
CA ALA A 63 -15.36 -9.91 6.11
C ALA A 63 -14.12 -9.35 6.77
N LEU A 64 -12.97 -9.72 6.22
CA LEU A 64 -11.68 -9.19 6.66
C LEU A 64 -11.12 -8.26 5.58
N ILE A 65 -10.36 -7.26 5.99
CA ILE A 65 -9.71 -6.41 5.00
C ILE A 65 -8.32 -6.00 5.49
N PHE A 66 -7.30 -6.30 4.69
CA PHE A 66 -5.94 -5.90 5.01
C PHE A 66 -5.62 -4.57 4.35
N VAL A 67 -5.03 -3.66 5.12
CA VAL A 67 -4.63 -2.34 4.63
C VAL A 67 -3.12 -2.32 4.43
N SER A 68 -2.72 -2.01 3.19
CA SER A 68 -1.33 -2.06 2.74
C SER A 68 -0.85 -0.63 2.45
N HIS A 69 0.05 -0.13 3.31
CA HIS A 69 0.53 1.24 3.21
C HIS A 69 1.64 1.35 2.16
N GLY A 70 1.99 2.61 1.84
CA GLY A 70 2.98 2.90 0.83
C GLY A 70 4.40 3.13 1.36
N ALA A 71 5.27 3.50 0.43
CA ALA A 71 6.68 3.67 0.77
C ALA A 71 6.88 4.86 1.69
N GLY A 72 7.73 4.66 2.70
CA GLY A 72 8.07 5.69 3.65
C GLY A 72 7.04 5.97 4.72
N GLU A 73 5.81 5.50 4.55
CA GLU A 73 4.81 5.79 5.58
C GLU A 73 4.59 4.57 6.48
N HIS A 74 3.41 4.44 7.06
CA HIS A 74 3.16 3.40 8.05
C HIS A 74 1.64 3.27 8.20
N SER A 75 1.25 2.21 8.90
CA SER A 75 -0.16 1.84 8.98
C SER A 75 -1.00 2.82 9.80
N GLY A 76 -0.39 3.57 10.72
CA GLY A 76 -1.13 4.54 11.51
C GLY A 76 -1.75 5.65 10.68
N ARG A 77 -1.30 5.82 9.44
CA ARG A 77 -1.85 6.84 8.55
C ARG A 77 -3.25 6.48 8.06
N TYR A 78 -3.72 5.26 8.34
CA TYR A 78 -4.98 4.73 7.82
C TYR A 78 -6.08 4.68 8.87
N GLU A 79 -5.87 5.38 9.99
CA GLU A 79 -6.80 5.32 11.11
C GLU A 79 -8.23 5.62 10.68
N GLU A 80 -8.44 6.73 9.98
CA GLU A 80 -9.80 7.13 9.63
C GLU A 80 -10.44 6.17 8.64
N LEU A 81 -9.70 5.79 7.58
CA LEU A 81 -10.23 4.82 6.65
C LEU A 81 -10.57 3.51 7.35
N ALA A 82 -9.69 3.04 8.24
CA ALA A 82 -9.92 1.79 8.92
C ALA A 82 -11.17 1.87 9.81
N ARG A 83 -11.34 2.99 10.50
CA ARG A 83 -12.52 3.11 11.34
C ARG A 83 -13.81 3.18 10.52
N MET A 84 -13.75 3.78 9.34
CA MET A 84 -14.90 3.72 8.44
C MET A 84 -15.22 2.28 8.07
N LEU A 85 -14.19 1.52 7.71
CA LEU A 85 -14.42 0.14 7.28
C LEU A 85 -14.92 -0.71 8.43
N MET A 86 -14.38 -0.50 9.63
CA MET A 86 -14.89 -1.24 10.78
CA MET A 86 -14.89 -1.22 10.81
C MET A 86 -16.36 -0.90 11.06
N GLY A 87 -16.76 0.34 10.76
CA GLY A 87 -18.16 0.72 10.88
C GLY A 87 -19.08 0.01 9.91
N LEU A 88 -18.53 -0.55 8.84
CA LEU A 88 -19.27 -1.43 7.94
C LEU A 88 -19.24 -2.88 8.41
N ASP A 89 -18.74 -3.12 9.63
CA ASP A 89 -18.64 -4.43 10.24
C ASP A 89 -17.58 -5.32 9.58
N LEU A 90 -16.55 -4.71 8.99
CA LEU A 90 -15.39 -5.49 8.58
C LEU A 90 -14.35 -5.45 9.69
N LEU A 91 -13.57 -6.52 9.76
CA LEU A 91 -12.42 -6.56 10.65
C LEU A 91 -11.22 -6.11 9.84
N VAL A 92 -10.69 -4.93 10.14
CA VAL A 92 -9.59 -4.34 9.41
C VAL A 92 -8.30 -4.70 10.12
N PHE A 93 -7.28 -5.08 9.35
CA PHE A 93 -5.98 -5.34 9.94
C PHE A 93 -4.87 -4.82 9.03
N ALA A 94 -3.69 -4.61 9.62
CA ALA A 94 -2.57 -4.05 8.88
C ALA A 94 -1.29 -4.38 9.62
N HIS A 95 -0.18 -4.21 8.93
CA HIS A 95 1.10 -4.11 9.62
C HIS A 95 1.98 -3.10 8.92
N ASP A 96 3.02 -2.63 9.62
CA ASP A 96 4.03 -1.81 8.98
C ASP A 96 4.97 -2.73 8.19
N HIS A 97 5.12 -2.46 6.89
CA HIS A 97 6.03 -3.28 6.09
C HIS A 97 7.44 -3.24 6.68
N VAL A 98 8.22 -4.29 6.41
CA VAL A 98 9.61 -4.30 6.86
CA VAL A 98 9.63 -4.31 6.81
C VAL A 98 10.29 -3.00 6.44
N GLY A 99 11.11 -2.46 7.34
CA GLY A 99 11.83 -1.24 7.06
C GLY A 99 11.01 0.02 7.21
N HIS A 100 9.79 -0.09 7.72
CA HIS A 100 8.89 1.05 7.85
C HIS A 100 8.33 1.14 9.26
N GLY A 101 7.96 2.35 9.65
CA GLY A 101 7.16 2.56 10.84
C GLY A 101 7.77 1.92 12.06
N GLN A 102 6.95 1.13 12.75
CA GLN A 102 7.37 0.47 13.99
C GLN A 102 7.83 -0.96 13.79
N SER A 103 7.98 -1.41 12.54
CA SER A 103 8.52 -2.73 12.25
C SER A 103 10.04 -2.69 12.20
N GLU A 104 10.64 -3.87 12.28
CA GLU A 104 12.09 -3.97 12.21
C GLU A 104 12.58 -3.81 10.77
N GLY A 105 13.89 -3.72 10.64
CA GLY A 105 14.59 -3.69 9.38
C GLY A 105 15.23 -2.34 9.16
N GLU A 106 16.40 -2.36 8.50
CA GLU A 106 17.01 -1.11 8.08
C GLU A 106 15.96 -0.27 7.35
N ARG A 107 15.93 1.03 7.64
CA ARG A 107 14.86 1.86 7.10
C ARG A 107 14.91 1.89 5.58
N MET A 108 13.75 1.66 4.96
CA MET A 108 13.58 1.74 3.51
CA MET A 108 13.62 1.79 3.51
C MET A 108 14.62 0.89 2.76
N VAL A 109 14.82 -0.32 3.28
CA VAL A 109 15.61 -1.35 2.64
C VAL A 109 14.72 -2.58 2.52
N VAL A 110 14.81 -3.28 1.40
CA VAL A 110 14.15 -4.59 1.29
C VAL A 110 15.00 -5.46 0.39
N SER A 111 15.24 -6.69 0.84
CA SER A 111 16.11 -7.58 0.07
C SER A 111 15.53 -7.85 -1.31
N ASP A 112 14.22 -8.06 -1.40
CA ASP A 112 13.53 -8.14 -2.68
C ASP A 112 12.08 -7.71 -2.45
N PHE A 113 11.48 -7.09 -3.47
CA PHE A 113 10.12 -6.56 -3.30
C PHE A 113 9.14 -7.64 -2.85
N HIS A 114 9.37 -8.91 -3.23
CA HIS A 114 8.38 -9.94 -2.89
C HIS A 114 8.29 -10.18 -1.39
N VAL A 115 9.30 -9.76 -0.62
CA VAL A 115 9.21 -9.84 0.85
C VAL A 115 7.93 -9.18 1.34
N PHE A 116 7.58 -8.02 0.77
CA PHE A 116 6.37 -7.33 1.21
C PHE A 116 5.14 -8.18 0.94
N VAL A 117 5.09 -8.83 -0.23
CA VAL A 117 3.94 -9.67 -0.58
C VAL A 117 3.88 -10.90 0.31
N ARG A 118 5.02 -11.58 0.46
CA ARG A 118 5.12 -12.73 1.37
C ARG A 118 4.56 -12.39 2.74
N ASP A 119 4.93 -11.22 3.28
CA ASP A 119 4.53 -10.88 4.64
C ASP A 119 3.05 -10.55 4.73
N VAL A 120 2.49 -9.88 3.71
CA VAL A 120 1.04 -9.70 3.67
C VAL A 120 0.34 -11.06 3.70
N LEU A 121 0.82 -12.00 2.88
CA LEU A 121 0.16 -13.29 2.81
C LEU A 121 0.26 -14.05 4.13
N GLN A 122 1.40 -13.94 4.82
CA GLN A 122 1.51 -14.56 6.15
C GLN A 122 0.45 -13.99 7.08
N HIS A 123 0.29 -12.66 7.07
CA HIS A 123 -0.67 -12.04 7.99
C HIS A 123 -2.08 -12.41 7.62
N VAL A 124 -2.40 -12.39 6.32
CA VAL A 124 -3.74 -12.81 5.87
C VAL A 124 -4.01 -14.25 6.29
N ASP A 125 -3.06 -15.13 6.03
CA ASP A 125 -3.23 -16.55 6.38
C ASP A 125 -3.46 -16.72 7.88
N SER A 126 -2.68 -16.02 8.70
CA SER A 126 -2.87 -16.08 10.15
CA SER A 126 -2.87 -16.10 10.14
C SER A 126 -4.26 -15.62 10.54
N MET A 127 -4.73 -14.53 9.95
CA MET A 127 -6.04 -14.02 10.33
C MET A 127 -7.17 -14.94 9.87
N GLN A 128 -7.01 -15.60 8.72
CA GLN A 128 -8.07 -16.49 8.26
C GLN A 128 -8.13 -17.75 9.11
N LYS A 129 -7.02 -18.11 9.74
CA LYS A 129 -7.06 -19.19 10.72
C LYS A 129 -7.88 -18.76 11.93
N ASP A 130 -7.65 -17.55 12.43
CA ASP A 130 -8.38 -17.07 13.60
C ASP A 130 -9.84 -16.79 13.30
N TYR A 131 -10.15 -16.36 12.06
CA TYR A 131 -11.50 -15.95 11.68
C TYR A 131 -11.89 -16.66 10.39
N PRO A 132 -12.12 -17.97 10.44
CA PRO A 132 -12.34 -18.74 9.21
C PRO A 132 -13.70 -18.46 8.59
N GLY A 133 -13.81 -18.79 7.30
CA GLY A 133 -15.03 -18.59 6.55
C GLY A 133 -15.25 -17.19 6.02
N LEU A 134 -14.46 -16.20 6.43
CA LEU A 134 -14.79 -14.84 6.02
C LEU A 134 -14.12 -14.50 4.69
N PRO A 135 -14.80 -13.73 3.84
CA PRO A 135 -14.12 -13.18 2.66
C PRO A 135 -13.04 -12.21 3.09
N VAL A 136 -11.99 -12.09 2.28
CA VAL A 136 -10.87 -11.20 2.58
CA VAL A 136 -10.87 -11.21 2.59
C VAL A 136 -10.68 -10.23 1.43
N PHE A 137 -10.60 -8.93 1.77
CA PHE A 137 -10.35 -7.86 0.84
C PHE A 137 -8.95 -7.30 1.07
N LEU A 138 -8.44 -6.59 0.08
CA LEU A 138 -7.20 -5.85 0.22
C LEU A 138 -7.48 -4.39 -0.10
N LEU A 139 -6.80 -3.49 0.63
CA LEU A 139 -6.81 -2.08 0.27
C LEU A 139 -5.36 -1.62 0.25
N GLY A 140 -4.94 -0.97 -0.83
CA GLY A 140 -3.56 -0.52 -0.93
C GLY A 140 -3.44 0.83 -1.60
N HIS A 141 -2.51 1.65 -1.14
CA HIS A 141 -2.23 2.95 -1.71
C HIS A 141 -0.79 2.99 -2.18
N SER A 142 -0.57 3.48 -3.40
CA SER A 142 0.80 3.81 -3.87
C SER A 142 1.61 2.52 -3.93
N MET A 143 2.80 2.46 -3.32
CA MET A 143 3.53 1.20 -3.30
C MET A 143 2.69 0.08 -2.70
N GLY A 144 1.86 0.41 -1.71
CA GLY A 144 1.01 -0.60 -1.11
C GLY A 144 -0.03 -1.14 -2.07
N GLY A 145 -0.41 -0.34 -3.08
CA GLY A 145 -1.29 -0.85 -4.12
C GLY A 145 -0.61 -1.83 -5.05
N ALA A 146 0.67 -1.59 -5.37
CA ALA A 146 1.44 -2.60 -6.10
C ALA A 146 1.55 -3.89 -5.29
N ILE A 147 1.81 -3.77 -3.99
CA ILE A 147 1.83 -4.94 -3.12
C ILE A 147 0.49 -5.67 -3.18
N ALA A 148 -0.61 -4.92 -3.12
CA ALA A 148 -1.93 -5.56 -3.15
C ALA A 148 -2.15 -6.28 -4.46
N ILE A 149 -1.79 -5.64 -5.58
CA ILE A 149 -1.96 -6.29 -6.89
C ILE A 149 -1.17 -7.60 -6.94
N LEU A 150 0.09 -7.56 -6.51
CA LEU A 150 0.91 -8.77 -6.56
C LEU A 150 0.41 -9.84 -5.59
N THR A 151 -0.17 -9.42 -4.46
CA THR A 151 -0.72 -10.38 -3.50
C THR A 151 -1.93 -11.09 -4.08
N ALA A 152 -2.84 -10.32 -4.66
CA ALA A 152 -4.00 -10.94 -5.33
C ALA A 152 -3.55 -11.84 -6.48
N ALA A 153 -2.53 -11.42 -7.23
CA ALA A 153 -2.11 -12.20 -8.39
C ALA A 153 -1.53 -13.54 -7.98
N GLU A 154 -0.92 -13.61 -6.80
CA GLU A 154 -0.33 -14.85 -6.33
C GLU A 154 -1.39 -15.85 -5.92
N ARG A 155 -2.58 -15.37 -5.55
CA ARG A 155 -3.67 -16.21 -5.06
C ARG A 155 -4.93 -15.97 -5.88
N PRO A 156 -4.93 -16.33 -7.16
CA PRO A 156 -6.11 -16.10 -8.00
C PRO A 156 -7.33 -16.79 -7.42
N GLY A 157 -8.44 -16.06 -7.37
CA GLY A 157 -9.69 -16.58 -6.86
C GLY A 157 -9.85 -16.53 -5.35
N HIS A 158 -8.82 -16.15 -4.60
CA HIS A 158 -8.92 -16.21 -3.16
C HIS A 158 -9.40 -14.91 -2.51
N PHE A 159 -9.13 -13.75 -3.10
CA PHE A 159 -9.55 -12.50 -2.50
C PHE A 159 -10.88 -12.03 -3.08
N ALA A 160 -11.75 -11.49 -2.21
CA ALA A 160 -13.06 -11.04 -2.62
C ALA A 160 -13.00 -9.73 -3.41
N GLY A 161 -11.98 -8.92 -3.19
CA GLY A 161 -11.93 -7.63 -3.84
C GLY A 161 -10.71 -6.88 -3.37
N MET A 162 -10.38 -5.83 -4.12
CA MET A 162 -9.23 -4.99 -3.85
CA MET A 162 -9.24 -4.98 -3.84
C MET A 162 -9.65 -3.55 -4.09
N VAL A 163 -9.26 -2.67 -3.18
CA VAL A 163 -9.47 -1.23 -3.31
C VAL A 163 -8.08 -0.63 -3.50
N LEU A 164 -7.89 0.11 -4.58
CA LEU A 164 -6.59 0.64 -4.97
C LEU A 164 -6.70 2.14 -5.00
N ILE A 165 -5.92 2.81 -4.16
CA ILE A 165 -5.87 4.27 -4.16
C ILE A 165 -4.53 4.65 -4.76
N SER A 166 -4.54 5.25 -5.96
CA SER A 166 -3.34 5.64 -6.70
CA SER A 166 -3.34 5.64 -6.68
C SER A 166 -2.24 4.58 -6.60
N PRO A 167 -2.51 3.36 -7.06
CA PRO A 167 -1.52 2.28 -6.95
C PRO A 167 -0.33 2.54 -7.85
N LEU A 168 0.84 2.06 -7.42
CA LEU A 168 2.04 2.13 -8.25
C LEU A 168 1.90 1.11 -9.37
N VAL A 169 1.54 1.59 -10.57
CA VAL A 169 1.49 0.76 -11.76
C VAL A 169 2.54 1.20 -12.77
N LEU A 170 2.54 2.50 -13.09
CA LEU A 170 3.60 3.15 -13.87
C LEU A 170 4.07 4.33 -13.05
N ALA A 171 5.38 4.47 -12.90
CA ALA A 171 5.92 5.64 -12.23
C ALA A 171 5.82 6.84 -13.16
N ASN A 172 5.87 8.02 -12.57
CA ASN A 172 5.97 9.24 -13.35
C ASN A 172 7.13 9.08 -14.35
N PRO A 173 6.88 9.24 -15.65
CA PRO A 173 7.92 8.90 -16.63
C PRO A 173 9.21 9.67 -16.44
N GLU A 174 9.12 10.95 -16.06
CA GLU A 174 10.33 11.72 -15.85
C GLU A 174 11.12 11.20 -14.65
N SER A 175 10.45 11.06 -13.50
CA SER A 175 11.10 10.51 -12.32
C SER A 175 11.71 9.14 -12.59
N ALA A 176 11.03 8.32 -13.40
CA ALA A 176 11.52 6.96 -13.65
C ALA A 176 12.78 6.99 -14.49
N THR A 177 12.83 7.85 -15.50
CA THR A 177 13.98 7.92 -16.38
C THR A 177 15.21 8.43 -15.64
N THR A 178 15.04 9.53 -14.90
CA THR A 178 16.14 10.06 -14.09
C THR A 178 16.63 9.03 -13.09
N PHE A 179 15.71 8.36 -12.41
CA PHE A 179 16.13 7.39 -11.41
C PHE A 179 16.91 6.24 -12.04
N LYS A 180 16.46 5.76 -13.20
CA LYS A 180 17.15 4.64 -13.85
C LYS A 180 18.59 4.98 -14.22
N VAL A 181 18.94 6.27 -14.23
CA VAL A 181 20.34 6.67 -14.34
C VAL A 181 21.12 6.31 -13.08
N LEU A 182 20.64 6.77 -11.92
CA LEU A 182 21.24 6.38 -10.66
C LEU A 182 21.26 4.86 -10.52
N ALA A 183 20.19 4.21 -11.00
CA ALA A 183 20.13 2.75 -10.94
C ALA A 183 21.26 2.12 -11.74
N ALA A 184 21.68 2.77 -12.82
CA ALA A 184 22.78 2.25 -13.63
C ALA A 184 24.07 2.21 -12.82
N LYS A 185 24.31 3.26 -12.03
CA LYS A 185 25.48 3.27 -11.17
C LYS A 185 25.44 2.11 -10.17
N VAL A 186 24.31 1.96 -9.48
CA VAL A 186 24.27 1.00 -8.38
C VAL A 186 24.27 -0.43 -8.91
N LEU A 187 23.65 -0.67 -10.07
CA LEU A 187 23.60 -2.01 -10.62
C LEU A 187 24.93 -2.46 -11.21
N ASN A 188 25.79 -1.53 -11.61
CA ASN A 188 27.07 -1.87 -12.22
C ASN A 188 28.26 -1.68 -11.29
N SER A 189 28.05 -1.07 -10.12
CA SER A 189 29.15 -0.81 -9.20
C SER A 189 28.71 -1.18 -7.79
N VAL A 190 29.61 -1.03 -6.83
CA VAL A 190 29.28 -1.25 -5.43
C VAL A 190 29.13 0.13 -4.80
N LEU A 191 27.88 0.58 -4.67
CA LEU A 191 27.57 1.92 -4.14
C LEU A 191 26.39 1.79 -3.18
N PRO A 192 26.63 1.24 -1.99
CA PRO A 192 25.49 0.87 -1.12
C PRO A 192 24.73 2.05 -0.55
N ASN A 193 25.31 3.25 -0.51
CA ASN A 193 24.69 4.37 0.18
C ASN A 193 24.09 5.42 -0.76
N LEU A 194 24.13 5.19 -2.06
CA LEU A 194 23.65 6.21 -2.99
C LEU A 194 22.13 6.37 -2.84
N SER A 195 21.67 7.62 -2.90
CA SER A 195 20.25 7.93 -2.69
C SER A 195 19.78 8.93 -3.73
N SER A 196 18.47 8.92 -3.98
CA SER A 196 17.84 9.97 -4.76
C SER A 196 17.62 11.20 -3.88
N GLY A 197 17.32 12.32 -4.53
CA GLY A 197 16.86 13.49 -3.81
C GLY A 197 15.48 13.22 -3.25
N PRO A 198 15.14 13.89 -2.15
CA PRO A 198 13.84 13.62 -1.52
C PRO A 198 12.68 14.12 -2.38
N ILE A 199 11.52 13.48 -2.19
CA ILE A 199 10.30 13.90 -2.89
C ILE A 199 9.76 15.15 -2.24
N ASP A 200 9.24 16.06 -3.06
CA ASP A 200 8.62 17.27 -2.55
C ASP A 200 7.22 16.90 -2.06
N SER A 201 7.03 16.85 -0.74
CA SER A 201 5.74 16.41 -0.22
CA SER A 201 5.75 16.46 -0.16
C SER A 201 4.59 17.29 -0.69
N SER A 202 4.86 18.54 -1.10
CA SER A 202 3.77 19.41 -1.53
C SER A 202 3.15 18.98 -2.86
N VAL A 203 3.88 18.23 -3.69
CA VAL A 203 3.32 17.90 -4.99
C VAL A 203 2.46 16.65 -4.91
N LEU A 204 2.21 16.16 -3.70
CA LEU A 204 1.45 14.93 -3.55
C LEU A 204 0.10 15.08 -2.86
N SER A 205 -0.23 16.24 -2.30
CA SER A 205 -1.61 16.54 -1.95
C SER A 205 -1.80 18.05 -2.01
N ARG A 206 -2.95 18.48 -2.52
CA ARG A 206 -3.29 19.90 -2.52
C ARG A 206 -3.70 20.38 -1.14
N ASN A 207 -3.95 19.49 -0.20
CA ASN A 207 -4.39 19.85 1.13
C ASN A 207 -3.14 20.18 1.94
N LYS A 208 -2.89 21.47 2.15
CA LYS A 208 -1.67 21.89 2.83
C LYS A 208 -1.62 21.38 4.26
N THR A 209 -2.78 21.24 4.92
CA THR A 209 -2.76 20.73 6.30
C THR A 209 -2.27 19.29 6.33
N GLU A 210 -2.75 18.47 5.38
CA GLU A 210 -2.28 17.09 5.33
C GLU A 210 -0.79 17.01 4.99
N VAL A 211 -0.32 17.88 4.10
CA VAL A 211 1.12 17.90 3.82
C VAL A 211 1.90 18.22 5.10
N ASP A 212 1.44 19.19 5.87
CA ASP A 212 2.15 19.57 7.10
C ASP A 212 2.14 18.43 8.11
N ILE A 213 1.02 17.71 8.21
CA ILE A 213 0.94 16.56 9.09
C ILE A 213 1.94 15.48 8.67
N TYR A 214 1.98 15.18 7.37
CA TYR A 214 2.94 14.22 6.84
C TYR A 214 4.36 14.60 7.19
N ASN A 215 4.69 15.89 7.04
CA ASN A 215 6.02 16.38 7.33
C ASN A 215 6.33 16.40 8.82
N SER A 216 5.33 16.22 9.68
CA SER A 216 5.50 16.30 11.13
C SER A 216 5.52 14.93 11.80
N ASP A 217 5.20 13.88 11.06
CA ASP A 217 5.04 12.54 11.62
C ASP A 217 6.42 11.89 11.79
N PRO A 218 6.86 11.63 13.02
CA PRO A 218 8.19 11.04 13.21
C PRO A 218 8.32 9.61 12.68
N LEU A 219 7.23 8.93 12.40
CA LEU A 219 7.29 7.57 11.88
C LEU A 219 7.43 7.52 10.37
N ILE A 220 7.44 8.66 9.69
CA ILE A 220 7.54 8.72 8.25
C ILE A 220 9.00 8.94 7.89
N CYS A 221 9.49 8.17 6.94
CA CYS A 221 10.82 8.41 6.39
C CYS A 221 10.68 9.34 5.19
N ARG A 222 11.15 10.57 5.35
CA ARG A 222 11.09 11.55 4.26
C ARG A 222 12.44 11.82 3.64
N ALA A 223 13.49 11.10 4.03
CA ALA A 223 14.77 11.24 3.36
C ALA A 223 14.67 10.70 1.93
N GLY A 224 15.59 11.16 1.09
CA GLY A 224 15.68 10.66 -0.27
C GLY A 224 15.79 9.16 -0.32
N LEU A 225 15.23 8.57 -1.38
CA LEU A 225 15.12 7.12 -1.49
C LEU A 225 16.49 6.51 -1.75
N LYS A 226 16.87 5.53 -0.94
CA LYS A 226 18.08 4.77 -1.26
C LYS A 226 17.89 4.12 -2.62
N VAL A 227 18.95 4.16 -3.43
CA VAL A 227 18.82 3.69 -4.81
C VAL A 227 18.46 2.21 -4.86
N CYS A 228 19.00 1.42 -3.93
CA CYS A 228 18.65 0.00 -3.90
CA CYS A 228 18.64 0.00 -3.94
C CYS A 228 17.15 -0.20 -3.70
N PHE A 229 16.51 0.68 -2.92
CA PHE A 229 15.07 0.55 -2.73
C PHE A 229 14.31 0.97 -3.97
N GLY A 230 14.77 2.04 -4.64
CA GLY A 230 14.14 2.43 -5.88
C GLY A 230 14.21 1.34 -6.94
N ILE A 231 15.30 0.57 -6.93
CA ILE A 231 15.42 -0.59 -7.83
C ILE A 231 14.34 -1.61 -7.53
N GLN A 232 14.04 -1.84 -6.25
CA GLN A 232 12.94 -2.74 -5.93
C GLN A 232 11.59 -2.17 -6.38
N LEU A 233 11.45 -0.85 -6.38
CA LEU A 233 10.22 -0.26 -6.90
C LEU A 233 10.13 -0.48 -8.41
N LEU A 234 11.26 -0.41 -9.11
CA LEU A 234 11.27 -0.77 -10.52
C LEU A 234 10.88 -2.23 -10.71
N ASN A 235 11.37 -3.11 -9.83
CA ASN A 235 10.95 -4.51 -9.88
C ASN A 235 9.47 -4.64 -9.65
N ALA A 236 8.92 -3.84 -8.73
CA ALA A 236 7.47 -3.85 -8.51
C ALA A 236 6.70 -3.51 -9.78
N VAL A 237 7.11 -2.45 -10.47
CA VAL A 237 6.46 -2.04 -11.71
C VAL A 237 6.52 -3.15 -12.74
N SER A 238 7.69 -3.79 -12.88
CA SER A 238 7.84 -4.86 -13.85
CA SER A 238 7.84 -4.86 -13.85
C SER A 238 6.96 -6.05 -13.51
N ARG A 239 6.88 -6.40 -12.22
CA ARG A 239 6.09 -7.56 -11.83
C ARG A 239 4.60 -7.28 -11.95
N VAL A 240 4.19 -6.04 -11.65
CA VAL A 240 2.79 -5.68 -11.82
C VAL A 240 2.38 -5.81 -13.28
N GLU A 241 3.22 -5.32 -14.19
CA GLU A 241 2.93 -5.42 -15.62
C GLU A 241 2.71 -6.88 -16.03
N ARG A 242 3.61 -7.77 -15.61
CA ARG A 242 3.45 -9.19 -15.94
C ARG A 242 2.20 -9.78 -15.30
N ALA A 243 1.78 -9.23 -14.15
CA ALA A 243 0.67 -9.80 -13.39
C ALA A 243 -0.69 -9.40 -13.95
N LEU A 244 -0.78 -8.24 -14.59
CA LEU A 244 -2.09 -7.74 -15.04
C LEU A 244 -2.89 -8.74 -15.86
N PRO A 245 -2.36 -9.35 -16.92
CA PRO A 245 -3.19 -10.27 -17.72
C PRO A 245 -3.63 -11.53 -16.98
N LYS A 246 -3.18 -11.75 -15.75
CA LYS A 246 -3.69 -12.84 -14.94
C LYS A 246 -4.60 -12.38 -13.82
N LEU A 247 -4.70 -11.08 -13.59
CA LEU A 247 -5.43 -10.57 -12.45
C LEU A 247 -6.92 -10.67 -12.74
N THR A 248 -7.65 -11.33 -11.82
CA THR A 248 -9.08 -11.53 -11.97
C THR A 248 -9.88 -11.02 -10.79
N VAL A 249 -9.22 -10.53 -9.73
CA VAL A 249 -9.94 -10.11 -8.52
C VAL A 249 -10.80 -8.88 -8.82
N PRO A 250 -11.98 -8.75 -8.23
CA PRO A 250 -12.72 -7.48 -8.37
C PRO A 250 -11.91 -6.32 -7.81
N PHE A 251 -12.02 -5.15 -8.43
CA PHE A 251 -11.30 -4.01 -7.85
C PHE A 251 -11.99 -2.69 -8.15
N LEU A 252 -11.81 -1.78 -7.21
CA LEU A 252 -12.13 -0.37 -7.36
C LEU A 252 -10.80 0.39 -7.42
N LEU A 253 -10.67 1.27 -8.40
CA LEU A 253 -9.42 1.97 -8.66
C LEU A 253 -9.71 3.46 -8.63
N LEU A 254 -9.07 4.19 -7.71
CA LEU A 254 -9.26 5.62 -7.53
C LEU A 254 -7.95 6.30 -7.89
N GLN A 255 -8.01 7.32 -8.73
CA GLN A 255 -6.79 7.89 -9.30
C GLN A 255 -7.00 9.37 -9.56
N GLY A 256 -6.04 10.20 -9.13
CA GLY A 256 -6.09 11.63 -9.42
C GLY A 256 -5.44 11.93 -10.76
N SER A 257 -6.01 12.91 -11.47
CA SER A 257 -5.48 13.19 -12.81
C SER A 257 -4.17 13.96 -12.76
N ALA A 258 -3.82 14.54 -11.60
CA ALA A 258 -2.60 15.34 -11.45
C ALA A 258 -1.61 14.66 -10.52
N ASP A 259 -1.56 13.33 -10.59
CA ASP A 259 -0.70 12.55 -9.71
C ASP A 259 0.72 12.59 -10.24
N ARG A 260 1.65 13.15 -9.46
CA ARG A 260 3.03 13.32 -9.89
C ARG A 260 3.91 12.15 -9.53
N LEU A 261 3.37 11.12 -8.91
CA LEU A 261 4.15 9.97 -8.47
C LEU A 261 3.74 8.69 -9.17
N CYS A 262 2.46 8.36 -9.14
CA CYS A 262 1.92 7.20 -9.81
C CYS A 262 1.15 7.75 -10.99
N ASP A 263 1.73 7.61 -12.16
CA ASP A 263 1.19 8.28 -13.33
C ASP A 263 -0.18 7.70 -13.66
N SER A 264 -1.15 8.59 -13.93
CA SER A 264 -2.50 8.13 -14.20
C SER A 264 -2.57 7.20 -15.40
N LYS A 265 -1.60 7.27 -16.31
CA LYS A 265 -1.54 6.31 -17.40
C LYS A 265 -1.54 4.87 -16.88
N GLY A 266 -0.94 4.63 -15.71
CA GLY A 266 -0.95 3.29 -15.15
C GLY A 266 -2.34 2.83 -14.73
N ALA A 267 -3.17 3.76 -14.23
CA ALA A 267 -4.53 3.39 -13.86
C ALA A 267 -5.33 2.98 -15.09
N TYR A 268 -5.17 3.71 -16.19
CA TYR A 268 -5.84 3.34 -17.43
C TYR A 268 -5.33 2.01 -17.96
N LEU A 269 -4.02 1.77 -17.86
CA LEU A 269 -3.47 0.48 -18.29
C LEU A 269 -4.01 -0.66 -17.44
N LEU A 270 -4.14 -0.44 -16.14
CA LEU A 270 -4.71 -1.45 -15.26
C LEU A 270 -6.14 -1.78 -15.65
N MET A 271 -6.97 -0.76 -15.92
CA MET A 271 -8.33 -1.00 -16.39
C MET A 271 -8.34 -1.77 -17.70
N GLU A 272 -7.38 -1.50 -18.57
CA GLU A 272 -7.39 -2.15 -19.87
C GLU A 272 -6.89 -3.59 -19.80
N LEU A 273 -5.82 -3.84 -19.04
CA LEU A 273 -5.13 -5.12 -19.15
C LEU A 273 -5.58 -6.14 -18.13
N ALA A 274 -6.12 -5.74 -16.98
CA ALA A 274 -6.63 -6.73 -16.03
C ALA A 274 -7.75 -7.54 -16.64
N LYS A 275 -7.84 -8.82 -16.29
CA LYS A 275 -8.91 -9.66 -16.79
CA LYS A 275 -8.92 -9.65 -16.79
C LYS A 275 -10.14 -9.63 -15.89
N SER A 276 -10.06 -8.97 -14.74
CA SER A 276 -11.17 -8.92 -13.80
CA SER A 276 -11.17 -8.91 -13.79
C SER A 276 -12.48 -8.58 -14.48
N GLN A 277 -13.53 -9.34 -14.15
CA GLN A 277 -14.87 -9.06 -14.64
C GLN A 277 -15.54 -7.93 -13.89
N ASP A 278 -15.00 -7.50 -12.74
CA ASP A 278 -15.62 -6.47 -11.92
C ASP A 278 -14.54 -5.43 -11.66
N LYS A 279 -14.44 -4.43 -12.55
CA LYS A 279 -13.43 -3.39 -12.41
C LYS A 279 -14.07 -2.03 -12.64
N THR A 280 -13.72 -1.07 -11.79
CA THR A 280 -14.29 0.27 -11.83
C THR A 280 -13.18 1.27 -11.58
N LEU A 281 -13.16 2.35 -12.36
CA LEU A 281 -12.20 3.43 -12.24
C LEU A 281 -12.94 4.73 -11.96
N LYS A 282 -12.48 5.47 -10.96
CA LYS A 282 -12.96 6.83 -10.74
C LYS A 282 -11.74 7.73 -10.81
N ILE A 283 -11.80 8.75 -11.66
CA ILE A 283 -10.76 9.75 -11.82
C ILE A 283 -11.19 11.00 -11.07
N TYR A 284 -10.27 11.57 -10.29
CA TYR A 284 -10.47 12.81 -9.56
C TYR A 284 -9.71 13.91 -10.30
N GLU A 285 -10.45 14.78 -10.97
CA GLU A 285 -9.86 15.73 -11.90
C GLU A 285 -9.11 16.80 -11.12
N GLY A 286 -7.81 16.93 -11.40
CA GLY A 286 -6.97 17.89 -10.73
C GLY A 286 -6.41 17.45 -9.40
N ALA A 287 -6.83 16.29 -8.89
CA ALA A 287 -6.35 15.83 -7.59
C ALA A 287 -4.93 15.27 -7.67
N TYR A 288 -4.22 15.37 -6.55
CA TYR A 288 -2.84 14.88 -6.47
C TYR A 288 -2.83 13.42 -6.00
N HIS A 289 -1.67 12.96 -5.54
CA HIS A 289 -1.45 11.53 -5.33
C HIS A 289 -2.24 10.98 -4.15
N VAL A 290 -2.25 11.67 -3.02
CA VAL A 290 -2.74 11.07 -1.76
C VAL A 290 -4.22 11.39 -1.66
N LEU A 291 -5.03 10.60 -2.38
CA LEU A 291 -6.44 10.93 -2.55
C LEU A 291 -7.22 10.86 -1.26
N HIS A 292 -6.83 9.98 -0.34
CA HIS A 292 -7.55 9.90 0.92
C HIS A 292 -7.07 10.93 1.95
N LYS A 293 -6.15 11.81 1.56
CA LYS A 293 -5.69 12.94 2.38
C LYS A 293 -5.59 14.19 1.51
N GLU A 294 -6.59 14.40 0.66
CA GLU A 294 -6.59 15.48 -0.32
C GLU A 294 -7.54 16.59 0.14
N LEU A 295 -7.98 17.43 -0.81
CA LEU A 295 -8.94 18.45 -0.44
C LEU A 295 -10.21 17.77 0.08
N PRO A 296 -10.93 18.41 1.01
CA PRO A 296 -12.07 17.74 1.63
C PRO A 296 -13.11 17.18 0.67
N GLU A 297 -13.37 17.86 -0.46
CA GLU A 297 -14.34 17.36 -1.42
C GLU A 297 -13.88 16.05 -2.03
N VAL A 298 -12.57 15.93 -2.29
CA VAL A 298 -12.02 14.69 -2.83
C VAL A 298 -12.03 13.61 -1.77
N THR A 299 -11.48 13.90 -0.60
CA THR A 299 -11.38 12.88 0.43
C THR A 299 -12.75 12.38 0.88
N ASN A 300 -13.73 13.27 0.99
CA ASN A 300 -15.07 12.80 1.35
C ASN A 300 -15.64 11.86 0.29
N SER A 301 -15.40 12.17 -0.98
CA SER A 301 -15.85 11.28 -2.05
C SER A 301 -15.14 9.94 -1.99
N VAL A 302 -13.82 9.97 -1.79
CA VAL A 302 -13.03 8.74 -1.68
C VAL A 302 -13.60 7.83 -0.60
N PHE A 303 -13.85 8.38 0.58
CA PHE A 303 -14.38 7.56 1.66
C PHE A 303 -15.76 7.02 1.29
N HIS A 304 -16.61 7.86 0.71
CA HIS A 304 -17.95 7.43 0.33
C HIS A 304 -17.91 6.32 -0.72
N GLU A 305 -17.06 6.48 -1.74
CA GLU A 305 -17.01 5.48 -2.81
C GLU A 305 -16.48 4.15 -2.30
N ILE A 306 -15.49 4.17 -1.40
CA ILE A 306 -15.01 2.91 -0.85
C ILE A 306 -16.08 2.28 0.02
N ASN A 307 -16.79 3.10 0.80
CA ASN A 307 -17.89 2.61 1.61
C ASN A 307 -18.94 1.90 0.76
N MET A 308 -19.38 2.55 -0.33
CA MET A 308 -20.37 1.95 -1.21
C MET A 308 -19.85 0.67 -1.83
N TRP A 309 -18.61 0.71 -2.33
CA TRP A 309 -18.09 -0.42 -3.10
C TRP A 309 -17.95 -1.66 -2.20
N VAL A 310 -17.41 -1.48 -1.00
CA VAL A 310 -17.26 -2.61 -0.07
C VAL A 310 -18.62 -3.07 0.45
N SER A 311 -19.52 -2.12 0.73
CA SER A 311 -20.87 -2.47 1.18
C SER A 311 -21.58 -3.37 0.16
N GLN A 312 -21.52 -3.01 -1.11
CA GLN A 312 -22.17 -3.79 -2.17
CA GLN A 312 -22.18 -3.80 -2.15
C GLN A 312 -21.58 -5.19 -2.27
N ARG A 313 -20.35 -5.39 -1.83
CA ARG A 313 -19.67 -6.66 -2.00
C ARG A 313 -19.53 -7.45 -0.71
N THR A 314 -20.14 -6.98 0.38
CA THR A 314 -20.22 -7.72 1.64
C THR A 314 -21.66 -7.91 2.07
N ALA A 315 -22.63 -7.38 1.33
CA ALA A 315 -24.05 -7.59 1.58
C ALA A 315 -24.42 -9.07 1.49
C1 EDO B . 11.02 6.62 10.61
O1 EDO B . 11.99 6.64 9.57
C2 EDO B . 10.49 5.22 10.80
O2 EDO B . 11.42 4.48 11.57
C1 EDO C . -5.11 -10.26 16.17
O1 EDO C . -4.55 -11.41 16.78
C2 EDO C . -6.54 -10.08 16.61
O2 EDO C . -7.26 -11.27 16.38
C5 A1IZY D . 1.96 11.47 1.58
C6 A1IZY D . 2.92 12.20 0.89
C7 A1IZY D . 2.86 13.57 0.81
C15 A1IZY D . 12.53 7.55 -7.56
C20 A1IZY D . 9.39 6.97 -5.52
C22 A1IZY D . 5.37 5.35 -4.44
C24 A1IZY D . 7.46 6.08 -5.36
C26 A1IZY D . 6.95 6.54 -3.02
C28 A1IZY D . 4.74 5.76 -2.06
C1 A1IZY D . 1.79 14.20 1.44
C11 A1IZY D . 4.66 8.26 -1.78
C14 A1IZY D . 11.30 7.00 -7.22
C16 A1IZY D . 13.11 8.50 -6.74
C18 A1IZY D . 11.36 8.40 -5.28
C19 A1IZY D . 10.68 7.43 -6.03
C2 A1IZY D . 0.88 13.38 2.11
C23 A1IZY D . 6.23 5.44 -5.53
C25 A1IZY D . 7.78 6.61 -4.13
C27 A1IZY D . 5.72 5.90 -3.19
C30 A1IZY D . 3.28 6.83 -0.36
C31 A1IZY D . 3.72 7.65 0.86
C33 A1IZY D . 5.10 9.04 -0.55
C34 A1IZY D . 10.72 5.95 -8.16
C35 A1IZY D . 11.54 4.66 -8.11
C36 A1IZY D . 11.30 4.01 -9.45
C37 A1IZY D . 11.17 5.16 -10.44
C38 A1IZY D . 10.74 6.39 -9.65
C9 A1IZY D . 3.38 10.12 0.78
N10 A1IZY D . 2.28 10.12 1.50
N17 A1IZY D . 12.54 8.93 -5.61
N21 A1IZY D . 8.52 6.33 -6.24
N29 A1IZY D . 4.30 6.88 -1.42
N32 A1IZY D . 4.05 9.02 0.46
N4 A1IZY D . 0.93 12.05 2.19
O12 A1IZY D . 4.29 4.65 -1.84
O13 A1IZY D . 9.03 7.18 -4.22
O8 A1IZY D . 3.85 11.33 0.37
CL3 A1IZY D . -0.48 14.13 2.92
#